data_4A9J
#
_entry.id   4A9J
#
_cell.length_a   114.051
_cell.length_b   55.542
_cell.length_c   68.072
_cell.angle_alpha   90.00
_cell.angle_beta   94.88
_cell.angle_gamma   90.00
#
_symmetry.space_group_name_H-M   'C 1 2 1'
#
loop_
_entity.id
_entity.type
_entity.pdbx_description
1 polymer 'BROMODOMAIN CONTAINING 2'
2 non-polymer 1,2-ETHANEDIOL
3 non-polymer 'N-(4-HYDROXYPHENYL)ACETAMIDE (TYLENOL)'
4 non-polymer 'SULFATE ION'
5 water water
#
_entity_poly.entity_id   1
_entity_poly.type   'polypeptide(L)'
_entity_poly.pdbx_seq_one_letter_code
;GSSHHHHHHSSGLVPRGSHMSNPKKPGRVTNQLQYLHKVVMKALWKHQFAWPFRQPVDAVKLGLPDYHKIIKQPMDMGTI
KRRLENNYYWAASECMQDFNTMFTNCYIYNKPTDDIVLMAQTLEKIFLQKVASMPQEEQELVVTIPKNSHKKGA
;
_entity_poly.pdbx_strand_id   A,B,C
#
# COMPACT_ATOMS: atom_id res chain seq x y z
N VAL A 29 3.24 -18.08 -1.79
CA VAL A 29 2.86 -16.94 -2.68
C VAL A 29 1.40 -16.54 -2.40
N THR A 30 1.20 -15.80 -1.31
CA THR A 30 -0.14 -15.38 -0.91
C THR A 30 -0.66 -14.25 -1.79
N ASN A 31 -1.97 -14.03 -1.75
CA ASN A 31 -2.60 -12.94 -2.48
C ASN A 31 -2.12 -11.56 -2.00
N GLN A 32 -1.86 -11.45 -0.70
CA GLN A 32 -1.34 -10.19 -0.12
C GLN A 32 0.09 -9.91 -0.58
N LEU A 33 0.92 -10.94 -0.65
CA LEU A 33 2.30 -10.78 -1.12
C LEU A 33 2.34 -10.43 -2.61
N GLN A 34 1.39 -10.95 -3.36
CA GLN A 34 1.26 -10.62 -4.77
C GLN A 34 0.86 -9.16 -4.92
N TYR A 35 -0.03 -8.71 -4.05
CA TYR A 35 -0.41 -7.31 -4.02
C TYR A 35 0.82 -6.45 -3.68
N LEU A 36 1.55 -6.83 -2.64
CA LEU A 36 2.74 -6.09 -2.23
C LEU A 36 3.81 -6.03 -3.32
N HIS A 37 3.95 -7.09 -4.10
CA HIS A 37 4.90 -7.11 -5.22
C HIS A 37 4.38 -6.30 -6.43
N LYS A 38 3.17 -6.63 -6.88
CA LYS A 38 2.63 -6.07 -8.12
C LYS A 38 2.12 -4.63 -8.02
N VAL A 39 1.69 -4.21 -6.82
CA VAL A 39 1.10 -2.87 -6.65
C VAL A 39 2.00 -1.97 -5.84
N VAL A 40 2.40 -2.41 -4.64
CA VAL A 40 3.18 -1.57 -3.74
C VAL A 40 4.62 -1.40 -4.21
N MET A 41 5.33 -2.52 -4.40
CA MET A 41 6.74 -2.44 -4.82
C MET A 41 6.86 -1.86 -6.22
N LYS A 42 5.94 -2.21 -7.11
CA LYS A 42 5.92 -1.64 -8.45
C LYS A 42 5.85 -0.13 -8.38
N ALA A 43 4.95 0.40 -7.55
CA ALA A 43 4.79 1.85 -7.40
C ALA A 43 6.04 2.52 -6.81
N LEU A 44 6.57 1.96 -5.73
CA LEU A 44 7.70 2.59 -5.04
C LEU A 44 9.03 2.48 -5.79
N TRP A 45 9.27 1.33 -6.42
CA TRP A 45 10.53 1.07 -7.12
C TRP A 45 10.80 2.09 -8.23
N LYS A 46 9.78 2.43 -8.99
CA LYS A 46 9.94 3.35 -10.12
C LYS A 46 9.75 4.82 -9.75
N HIS A 47 9.54 5.12 -8.47
CA HIS A 47 9.29 6.50 -8.03
C HIS A 47 10.58 7.33 -8.15
N GLN A 48 10.44 8.60 -8.50
CA GLN A 48 11.61 9.49 -8.66
C GLN A 48 12.43 9.72 -7.38
N PHE A 49 11.84 9.44 -6.22
CA PHE A 49 12.53 9.57 -4.95
C PHE A 49 13.09 8.24 -4.44
N ALA A 50 12.93 7.17 -5.23
CA ALA A 50 13.27 5.82 -4.77
C ALA A 50 14.76 5.51 -4.77
N TRP A 51 15.53 6.23 -5.59
CA TRP A 51 16.94 5.87 -5.83
C TRP A 51 17.82 5.71 -4.57
N PRO A 52 17.61 6.56 -3.53
CA PRO A 52 18.45 6.32 -2.34
C PRO A 52 18.12 5.04 -1.57
N PHE A 53 16.99 4.40 -1.90
CA PHE A 53 16.47 3.25 -1.17
C PHE A 53 16.50 1.95 -1.98
N ARG A 54 17.01 2.01 -3.22
CA ARG A 54 17.01 0.83 -4.10
C ARG A 54 18.09 -0.19 -3.78
N GLN A 55 19.06 0.19 -2.94
CA GLN A 55 20.16 -0.67 -2.56
C GLN A 55 20.51 -0.38 -1.11
N PRO A 56 21.17 -1.33 -0.42
CA PRO A 56 21.61 -1.09 0.96
C PRO A 56 22.42 0.18 1.08
N VAL A 57 22.30 0.87 2.21
CA VAL A 57 23.16 2.01 2.50
C VAL A 57 24.63 1.56 2.49
N ASP A 58 25.42 2.21 1.65
CA ASP A 58 26.87 2.00 1.61
C ASP A 58 27.54 3.09 2.45
N ALA A 59 27.87 2.76 3.70
CA ALA A 59 28.40 3.74 4.65
C ALA A 59 29.75 4.32 4.22
N VAL A 60 30.56 3.51 3.55
CA VAL A 60 31.86 3.96 3.04
C VAL A 60 31.66 5.01 1.95
N LYS A 61 30.86 4.65 0.94
CA LYS A 61 30.55 5.54 -0.17
C LYS A 61 29.91 6.85 0.28
N LEU A 62 29.00 6.77 1.24
CA LEU A 62 28.22 7.93 1.69
C LEU A 62 28.92 8.70 2.81
N GLY A 63 30.04 8.18 3.31
CA GLY A 63 30.80 8.84 4.36
C GLY A 63 30.07 8.85 5.70
N LEU A 64 29.52 7.70 6.08
CA LEU A 64 28.71 7.56 7.29
C LEU A 64 29.33 6.51 8.22
N PRO A 65 30.47 6.82 8.87
CA PRO A 65 31.19 5.83 9.70
C PRO A 65 30.42 5.32 10.93
N ASP A 66 29.42 6.06 11.39
CA ASP A 66 28.58 5.64 12.51
C ASP A 66 27.30 4.92 12.08
N TYR A 67 27.06 4.79 10.77
CA TYR A 67 25.76 4.30 10.31
C TYR A 67 25.39 2.96 10.92
N HIS A 68 26.31 1.99 10.86
CA HIS A 68 26.01 0.65 11.38
C HIS A 68 26.09 0.53 12.91
N LYS A 69 26.59 1.56 13.58
CA LYS A 69 26.52 1.64 15.03
C LYS A 69 25.13 2.09 15.48
N ILE A 70 24.50 2.96 14.68
CA ILE A 70 23.17 3.47 14.99
C ILE A 70 22.06 2.58 14.44
N ILE A 71 22.22 2.12 13.20
CA ILE A 71 21.20 1.31 12.52
C ILE A 71 21.64 -0.18 12.56
N LYS A 72 20.95 -0.97 13.35
CA LYS A 72 21.37 -2.37 13.60
C LYS A 72 20.74 -3.36 12.64
N GLN A 73 19.64 -2.97 12.00
CA GLN A 73 18.99 -3.79 10.98
C GLN A 73 18.77 -2.97 9.71
N PRO A 74 19.82 -2.86 8.87
CA PRO A 74 19.65 -2.16 7.60
C PRO A 74 18.60 -2.84 6.72
N MET A 75 17.87 -2.05 5.95
CA MET A 75 16.90 -2.60 5.01
C MET A 75 16.72 -1.63 3.85
N ASP A 76 16.36 -2.16 2.69
CA ASP A 76 16.28 -1.39 1.45
C ASP A 76 15.33 -2.11 0.48
N MET A 77 14.81 -1.39 -0.50
N MET A 77 14.81 -1.36 -0.49
CA MET A 77 13.83 -1.97 -1.43
CA MET A 77 13.86 -1.87 -1.50
C MET A 77 14.40 -2.99 -2.41
C MET A 77 14.43 -3.05 -2.29
N GLY A 78 15.71 -2.97 -2.64
CA GLY A 78 16.36 -4.01 -3.45
C GLY A 78 16.28 -5.35 -2.76
N THR A 79 16.61 -5.36 -1.47
CA THR A 79 16.49 -6.54 -0.61
C THR A 79 15.03 -7.03 -0.53
N ILE A 80 14.09 -6.11 -0.31
CA ILE A 80 12.67 -6.47 -0.21
C ILE A 80 12.15 -7.04 -1.54
N LYS A 81 12.50 -6.38 -2.65
CA LYS A 81 12.16 -6.84 -4.00
C LYS A 81 12.72 -8.24 -4.28
N ARG A 82 13.98 -8.45 -3.93
CA ARG A 82 14.63 -9.76 -4.10
C ARG A 82 13.92 -10.82 -3.24
N ARG A 83 13.50 -10.43 -2.04
CA ARG A 83 12.77 -11.33 -1.14
C ARG A 83 11.38 -11.70 -1.65
N LEU A 84 10.70 -10.73 -2.25
CA LEU A 84 9.40 -10.97 -2.90
C LEU A 84 9.54 -11.90 -4.10
N GLU A 85 10.51 -11.60 -4.96
CA GLU A 85 10.79 -12.43 -6.13
C GLU A 85 11.14 -13.88 -5.79
N ASN A 86 11.82 -14.09 -4.66
CA ASN A 86 12.25 -15.44 -4.26
C ASN A 86 11.34 -16.11 -3.23
N ASN A 87 10.12 -15.61 -3.06
CA ASN A 87 9.15 -16.18 -2.10
C ASN A 87 9.76 -16.41 -0.72
N TYR A 88 10.49 -15.42 -0.24
CA TYR A 88 11.14 -15.45 1.08
C TYR A 88 10.12 -15.28 2.20
N TYR A 89 9.14 -14.39 1.97
CA TYR A 89 8.17 -14.06 3.01
C TYR A 89 7.09 -15.16 3.13
N TRP A 90 6.75 -15.47 4.38
CA TRP A 90 5.67 -16.40 4.69
C TRP A 90 4.34 -15.67 4.81
N ALA A 91 4.39 -14.39 5.19
CA ALA A 91 3.20 -13.57 5.34
C ALA A 91 3.46 -12.15 4.85
N ALA A 92 2.39 -11.45 4.46
CA ALA A 92 2.49 -10.08 3.98
C ALA A 92 3.00 -9.12 5.05
N SER A 93 2.60 -9.34 6.31
CA SER A 93 3.05 -8.51 7.42
C SER A 93 4.59 -8.48 7.54
N GLU A 94 5.25 -9.60 7.24
CA GLU A 94 6.71 -9.68 7.31
C GLU A 94 7.37 -8.72 6.32
N CYS A 95 6.83 -8.69 5.11
CA CYS A 95 7.26 -7.74 4.08
C CYS A 95 6.97 -6.31 4.49
N MET A 96 5.78 -6.09 5.07
CA MET A 96 5.39 -4.77 5.55
C MET A 96 6.35 -4.28 6.64
N GLN A 97 6.78 -5.18 7.52
CA GLN A 97 7.74 -4.82 8.56
C GLN A 97 9.07 -4.40 7.97
N ASP A 98 9.48 -5.01 6.85
CA ASP A 98 10.74 -4.63 6.19
C ASP A 98 10.66 -3.23 5.58
N PHE A 99 9.57 -2.92 4.90
CA PHE A 99 9.35 -1.55 4.41
C PHE A 99 9.44 -0.59 5.58
N ASN A 100 8.73 -0.90 6.66
CA ASN A 100 8.72 -0.05 7.85
C ASN A 100 10.12 0.18 8.42
N THR A 101 10.87 -0.91 8.54
CA THR A 101 12.25 -0.83 9.03
C THR A 101 13.10 0.09 8.15
N MET A 102 12.97 -0.05 6.83
CA MET A 102 13.69 0.82 5.91
C MET A 102 13.38 2.29 6.15
N PHE A 103 12.11 2.62 6.32
CA PHE A 103 11.72 4.02 6.50
C PHE A 103 12.18 4.52 7.86
N THR A 104 11.98 3.68 8.88
CA THR A 104 12.32 4.03 10.24
C THR A 104 13.82 4.26 10.44
N ASN A 105 14.65 3.41 9.84
CA ASN A 105 16.10 3.58 9.84
C ASN A 105 16.45 4.97 9.34
N CYS A 106 15.78 5.39 8.28
CA CYS A 106 16.07 6.66 7.67
C CYS A 106 15.74 7.82 8.61
N TYR A 107 14.58 7.77 9.25
CA TYR A 107 14.15 8.82 10.20
C TYR A 107 15.05 8.87 11.44
N ILE A 108 15.50 7.70 11.91
CA ILE A 108 16.30 7.63 13.12
C ILE A 108 17.72 8.14 12.88
N TYR A 109 18.32 7.73 11.77
CA TYR A 109 19.72 8.07 11.51
C TYR A 109 19.91 9.53 11.10
N ASN A 110 19.08 9.99 10.18
CA ASN A 110 19.29 11.29 9.54
C ASN A 110 18.76 12.48 10.35
N LYS A 111 19.21 13.67 9.99
CA LYS A 111 18.76 14.91 10.64
C LYS A 111 17.34 15.25 10.19
N PRO A 112 16.56 15.93 11.05
CA PRO A 112 15.20 16.33 10.70
C PRO A 112 15.09 17.07 9.35
N THR A 113 16.11 17.85 9.02
CA THR A 113 16.08 18.77 7.86
C THR A 113 16.68 18.17 6.58
N ASP A 114 17.12 16.91 6.65
CA ASP A 114 17.73 16.26 5.48
C ASP A 114 16.68 15.94 4.40
N ASP A 115 17.04 16.17 3.14
CA ASP A 115 16.18 15.82 2.01
C ASP A 115 15.72 14.36 2.04
N ILE A 116 16.59 13.45 2.45
CA ILE A 116 16.28 12.03 2.43
C ILE A 116 15.07 11.69 3.30
N VAL A 117 14.91 12.42 4.39
CA VAL A 117 13.74 12.27 5.25
C VAL A 117 12.46 12.60 4.50
N LEU A 118 12.47 13.70 3.75
CA LEU A 118 11.32 14.10 2.93
C LEU A 118 11.02 13.04 1.86
N MET A 119 12.08 12.51 1.25
CA MET A 119 11.95 11.48 0.24
C MET A 119 11.33 10.22 0.83
N ALA A 120 11.82 9.78 1.99
CA ALA A 120 11.26 8.64 2.70
C ALA A 120 9.77 8.86 3.02
N GLN A 121 9.44 10.04 3.54
CA GLN A 121 8.04 10.35 3.89
C GLN A 121 7.10 10.25 2.68
N THR A 122 7.57 10.76 1.54
CA THR A 122 6.78 10.72 0.32
C THR A 122 6.51 9.27 -0.09
N LEU A 123 7.55 8.45 -0.06
CA LEU A 123 7.42 7.04 -0.41
C LEU A 123 6.55 6.29 0.59
N GLU A 124 6.70 6.60 1.87
CA GLU A 124 5.94 5.90 2.91
C GLU A 124 4.45 6.20 2.84
N LYS A 125 4.10 7.43 2.46
N LYS A 125 4.11 7.43 2.43
CA LYS A 125 2.71 7.80 2.31
CA LYS A 125 2.72 7.81 2.20
C LYS A 125 2.05 7.02 1.17
C LYS A 125 2.11 6.91 1.12
N ILE A 126 2.83 6.70 0.12
N ILE A 126 2.83 6.72 0.02
CA ILE A 126 2.34 5.87 -0.97
CA ILE A 126 2.38 5.84 -1.05
C ILE A 126 2.21 4.41 -0.52
C ILE A 126 2.21 4.40 -0.54
N PHE A 127 3.20 3.94 0.22
CA PHE A 127 3.15 2.60 0.84
C PHE A 127 1.84 2.44 1.63
N LEU A 128 1.55 3.39 2.51
CA LEU A 128 0.37 3.30 3.37
C LEU A 128 -0.93 3.44 2.59
N GLN A 129 -0.94 4.32 1.58
CA GLN A 129 -2.10 4.46 0.70
C GLN A 129 -2.42 3.13 0.02
N LYS A 130 -1.40 2.45 -0.49
CA LYS A 130 -1.60 1.20 -1.22
C LYS A 130 -1.93 0.05 -0.26
N VAL A 131 -1.29 0.03 0.90
CA VAL A 131 -1.53 -1.02 1.90
C VAL A 131 -2.96 -0.99 2.44
N ALA A 132 -3.59 0.19 2.43
CA ALA A 132 -5.00 0.33 2.83
C ALA A 132 -5.98 -0.45 1.94
N SER A 133 -5.58 -0.75 0.71
CA SER A 133 -6.42 -1.50 -0.25
C SER A 133 -5.88 -2.91 -0.52
N MET A 134 -5.00 -3.40 0.34
CA MET A 134 -4.46 -4.76 0.24
C MET A 134 -5.57 -5.76 0.58
N PRO A 135 -5.59 -6.94 -0.10
CA PRO A 135 -6.56 -7.95 0.29
C PRO A 135 -6.40 -8.37 1.76
N GLN A 136 -7.49 -8.82 2.38
CA GLN A 136 -7.58 -8.89 3.84
C GLN A 136 -7.15 -10.23 4.46
N GLU A 137 -7.55 -11.33 3.84
CA GLU A 137 -7.30 -12.66 4.41
C GLU A 137 -6.17 -13.37 3.68
N GLU A 138 -5.09 -13.67 4.40
CA GLU A 138 -3.91 -14.30 3.82
C GLU A 138 -4.18 -15.74 3.38
N GLN A 139 -4.67 -15.87 2.14
CA GLN A 139 -4.83 -17.18 1.51
C GLN A 139 -3.49 -17.60 0.90
N GLU A 140 -3.05 -18.83 1.22
CA GLU A 140 -1.74 -19.32 0.80
C GLU A 140 -1.61 -19.43 -0.72
N GLY B 27 -16.64 14.56 6.91
CA GLY B 27 -16.24 13.13 6.77
C GLY B 27 -17.39 12.15 6.95
N ARG B 28 -17.05 10.85 6.96
CA ARG B 28 -18.04 9.78 6.98
C ARG B 28 -17.58 8.56 7.77
N VAL B 29 -18.42 7.53 7.82
CA VAL B 29 -18.11 6.27 8.48
C VAL B 29 -17.89 5.16 7.44
N THR B 30 -16.82 4.38 7.61
CA THR B 30 -16.55 3.21 6.78
C THR B 30 -16.22 1.99 7.64
N ASN B 31 -16.30 0.80 7.04
CA ASN B 31 -15.90 -0.45 7.69
C ASN B 31 -14.42 -0.45 8.13
N GLN B 32 -13.58 0.13 7.29
CA GLN B 32 -12.14 0.23 7.56
C GLN B 32 -11.87 1.17 8.73
N LEU B 33 -12.52 2.32 8.75
CA LEU B 33 -12.37 3.31 9.84
C LEU B 33 -12.85 2.76 11.18
N GLN B 34 -13.94 1.99 11.17
CA GLN B 34 -14.41 1.30 12.39
C GLN B 34 -13.39 0.28 12.88
N TYR B 35 -12.78 -0.46 11.96
CA TYR B 35 -11.71 -1.40 12.28
C TYR B 35 -10.50 -0.67 12.88
N LEU B 36 -10.09 0.44 12.26
CA LEU B 36 -9.00 1.24 12.80
C LEU B 36 -9.31 1.74 14.23
N HIS B 37 -10.57 2.07 14.48
CA HIS B 37 -10.99 2.57 15.78
C HIS B 37 -11.09 1.45 16.82
N LYS B 38 -11.87 0.42 16.51
CA LYS B 38 -12.24 -0.59 17.50
C LYS B 38 -11.22 -1.73 17.65
N VAL B 39 -10.48 -2.03 16.59
CA VAL B 39 -9.48 -3.09 16.61
C VAL B 39 -8.06 -2.56 16.77
N VAL B 40 -7.62 -1.72 15.84
CA VAL B 40 -6.21 -1.26 15.81
C VAL B 40 -5.92 -0.29 16.95
N MET B 41 -6.66 0.81 17.03
CA MET B 41 -6.39 1.84 18.05
C MET B 41 -6.58 1.31 19.49
N LYS B 42 -7.60 0.49 19.71
CA LYS B 42 -7.88 -0.03 21.04
C LYS B 42 -6.73 -0.92 21.53
N ALA B 43 -6.18 -1.73 20.63
CA ALA B 43 -5.03 -2.58 20.92
C ALA B 43 -3.78 -1.76 21.23
N LEU B 44 -3.48 -0.77 20.39
CA LEU B 44 -2.36 0.13 20.65
C LEU B 44 -2.53 0.93 21.94
N TRP B 45 -3.73 1.46 22.17
CA TRP B 45 -3.99 2.38 23.28
C TRP B 45 -3.68 1.76 24.66
N LYS B 46 -4.06 0.50 24.84
CA LYS B 46 -3.89 -0.21 26.11
C LYS B 46 -2.50 -0.76 26.34
N HIS B 47 -1.66 -0.74 25.31
CA HIS B 47 -0.29 -1.25 25.38
C HIS B 47 0.51 -0.54 26.47
N GLN B 48 1.40 -1.29 27.13
CA GLN B 48 2.25 -0.75 28.21
C GLN B 48 3.24 0.35 27.76
N PHE B 49 3.52 0.45 26.47
CA PHE B 49 4.40 1.48 25.91
C PHE B 49 3.61 2.65 25.30
N ALA B 50 2.29 2.61 25.38
CA ALA B 50 1.43 3.59 24.72
C ALA B 50 1.33 4.93 25.45
N TRP B 51 1.59 4.95 26.76
CA TRP B 51 1.36 6.15 27.58
C TRP B 51 1.98 7.48 27.05
N PRO B 52 3.18 7.43 26.44
CA PRO B 52 3.70 8.70 25.91
C PRO B 52 2.97 9.23 24.66
N PHE B 53 2.13 8.38 24.04
CA PHE B 53 1.50 8.66 22.75
C PHE B 53 -0.02 8.89 22.81
N ARG B 54 -0.60 8.88 24.01
CA ARG B 54 -2.05 9.00 24.17
C ARG B 54 -2.55 10.45 24.17
N GLN B 55 -1.63 11.40 24.25
CA GLN B 55 -2.00 12.82 24.28
C GLN B 55 -0.93 13.62 23.54
N PRO B 56 -1.28 14.85 23.09
CA PRO B 56 -0.27 15.68 22.44
C PRO B 56 0.96 15.89 23.33
N VAL B 57 2.12 16.01 22.71
CA VAL B 57 3.33 16.36 23.43
C VAL B 57 3.17 17.77 24.01
N ASP B 58 3.26 17.87 25.33
CA ASP B 58 3.29 19.15 26.03
C ASP B 58 4.77 19.51 26.19
N ALA B 59 5.26 20.30 25.24
CA ALA B 59 6.68 20.68 25.18
C ALA B 59 7.17 21.46 26.40
N VAL B 60 6.27 22.25 26.99
CA VAL B 60 6.58 22.99 28.22
C VAL B 60 6.72 22.04 29.41
N LYS B 61 5.74 21.14 29.57
CA LYS B 61 5.70 20.20 30.69
C LYS B 61 6.87 19.22 30.66
N LEU B 62 7.18 18.71 29.46
CA LEU B 62 8.25 17.73 29.29
C LEU B 62 9.64 18.35 29.13
N GLY B 63 9.72 19.69 29.05
CA GLY B 63 10.99 20.38 28.90
C GLY B 63 11.63 20.20 27.53
N LEU B 64 10.88 20.54 26.47
CA LEU B 64 11.34 20.39 25.09
C LEU B 64 11.12 21.70 24.31
N PRO B 65 11.99 22.72 24.53
CA PRO B 65 11.80 24.05 23.93
C PRO B 65 11.86 24.10 22.40
N ASP B 66 12.55 23.14 21.78
CA ASP B 66 12.72 23.11 20.33
C ASP B 66 11.78 22.13 19.65
N TYR B 67 10.89 21.49 20.42
CA TYR B 67 10.05 20.43 19.88
C TYR B 67 9.23 20.95 18.69
N HIS B 68 8.59 22.10 18.86
CA HIS B 68 7.72 22.65 17.82
C HIS B 68 8.49 23.33 16.68
N LYS B 69 9.78 23.60 16.92
CA LYS B 69 10.68 24.07 15.86
C LYS B 69 11.00 22.91 14.92
N ILE B 70 11.15 21.72 15.49
CA ILE B 70 11.54 20.53 14.74
C ILE B 70 10.34 19.75 14.20
N ILE B 71 9.31 19.59 15.02
CA ILE B 71 8.10 18.86 14.63
C ILE B 71 6.99 19.84 14.21
N LYS B 72 6.71 19.89 12.92
CA LYS B 72 5.77 20.86 12.34
C LYS B 72 4.33 20.40 12.32
N GLN B 73 4.13 19.08 12.32
CA GLN B 73 2.79 18.52 12.43
C GLN B 73 2.72 17.54 13.61
N PRO B 74 2.50 18.08 14.82
CA PRO B 74 2.33 17.19 15.97
C PRO B 74 1.16 16.25 15.76
N MET B 75 1.29 15.01 16.24
CA MET B 75 0.20 14.06 16.17
C MET B 75 0.33 13.03 17.30
N ASP B 76 -0.81 12.56 17.78
CA ASP B 76 -0.88 11.63 18.90
C ASP B 76 -2.15 10.80 18.77
N MET B 77 -2.23 9.69 19.51
N MET B 77 -2.20 9.69 19.51
CA MET B 77 -3.37 8.79 19.41
CA MET B 77 -3.35 8.77 19.50
C MET B 77 -4.67 9.39 19.98
C MET B 77 -4.65 9.44 19.93
N GLY B 78 -4.55 10.33 20.91
CA GLY B 78 -5.73 11.05 21.44
C GLY B 78 -6.41 11.90 20.39
N THR B 79 -5.62 12.64 19.62
CA THR B 79 -6.11 13.40 18.46
C THR B 79 -6.74 12.47 17.42
N ILE B 80 -6.04 11.40 17.08
CA ILE B 80 -6.53 10.41 16.12
C ILE B 80 -7.85 9.78 16.56
N LYS B 81 -7.91 9.36 17.82
CA LYS B 81 -9.10 8.77 18.40
C LYS B 81 -10.29 9.75 18.30
N ARG B 82 -10.07 11.00 18.70
CA ARG B 82 -11.11 12.03 18.61
C ARG B 82 -11.58 12.24 17.18
N ARG B 83 -10.63 12.26 16.24
CA ARG B 83 -10.96 12.37 14.81
C ARG B 83 -11.83 11.21 14.31
N LEU B 84 -11.49 10.00 14.74
CA LEU B 84 -12.29 8.81 14.41
C LEU B 84 -13.71 8.92 14.98
N GLU B 85 -13.82 9.47 16.19
CA GLU B 85 -15.11 9.61 16.87
C GLU B 85 -15.98 10.73 16.29
N ASN B 86 -15.34 11.80 15.80
CA ASN B 86 -16.05 12.95 15.21
C ASN B 86 -16.26 12.84 13.70
N ASN B 87 -15.96 11.68 13.12
CA ASN B 87 -16.10 11.45 11.67
C ASN B 87 -15.34 12.49 10.85
N TYR B 88 -14.07 12.69 11.22
CA TYR B 88 -13.19 13.64 10.54
C TYR B 88 -12.61 13.03 9.27
N TYR B 89 -12.35 11.73 9.30
CA TYR B 89 -11.71 11.03 8.19
C TYR B 89 -12.68 10.62 7.10
N TRP B 90 -12.33 10.91 5.85
N TRP B 90 -12.33 10.92 5.85
CA TRP B 90 -13.11 10.44 4.71
CA TRP B 90 -13.09 10.47 4.69
C TRP B 90 -12.68 9.03 4.28
C TRP B 90 -12.67 9.06 4.26
N ALA B 91 -11.42 8.68 4.54
CA ALA B 91 -10.89 7.33 4.19
C ALA B 91 -9.88 6.80 5.19
N ALA B 92 -9.75 5.47 5.24
CA ALA B 92 -8.86 4.78 6.17
C ALA B 92 -7.41 5.23 6.00
N SER B 93 -6.98 5.44 4.75
CA SER B 93 -5.61 5.88 4.47
C SER B 93 -5.27 7.16 5.21
N GLU B 94 -6.23 8.06 5.38
CA GLU B 94 -5.99 9.34 6.05
C GLU B 94 -5.68 9.13 7.53
N CYS B 95 -6.40 8.22 8.16
CA CYS B 95 -6.14 7.84 9.54
C CYS B 95 -4.77 7.17 9.70
N MET B 96 -4.46 6.24 8.80
CA MET B 96 -3.17 5.56 8.80
C MET B 96 -2.00 6.55 8.63
N GLN B 97 -2.20 7.58 7.81
N GLN B 97 -2.20 7.58 7.83
CA GLN B 97 -1.22 8.65 7.65
CA GLN B 97 -1.21 8.63 7.66
C GLN B 97 -0.96 9.37 8.97
C GLN B 97 -0.96 9.40 8.97
N ASP B 98 -2.02 9.63 9.74
CA ASP B 98 -1.88 10.28 11.05
C ASP B 98 -1.10 9.40 12.03
N PHE B 99 -1.37 8.09 12.05
CA PHE B 99 -0.56 7.16 12.85
C PHE B 99 0.91 7.27 12.43
N ASN B 100 1.16 7.27 11.12
CA ASN B 100 2.52 7.36 10.61
C ASN B 100 3.21 8.66 11.03
N THR B 101 2.48 9.78 10.97
CA THR B 101 3.04 11.06 11.39
C THR B 101 3.47 11.02 12.87
N MET B 102 2.62 10.44 13.72
CA MET B 102 2.95 10.29 15.13
C MET B 102 4.26 9.52 15.33
N PHE B 103 4.37 8.35 14.71
CA PHE B 103 5.58 7.54 14.87
C PHE B 103 6.80 8.27 14.28
N THR B 104 6.66 8.81 13.07
CA THR B 104 7.77 9.50 12.40
C THR B 104 8.29 10.68 13.22
N ASN B 105 7.37 11.49 13.77
CA ASN B 105 7.75 12.61 14.63
C ASN B 105 8.66 12.14 15.76
N CYS B 106 8.29 11.01 16.35
CA CYS B 106 9.06 10.43 17.44
C CYS B 106 10.51 10.13 17.00
N TYR B 107 10.65 9.51 15.82
CA TYR B 107 11.98 9.12 15.32
C TYR B 107 12.81 10.33 14.93
N ILE B 108 12.17 11.34 14.33
CA ILE B 108 12.85 12.53 13.87
C ILE B 108 13.34 13.39 15.03
N TYR B 109 12.52 13.55 16.06
CA TYR B 109 12.87 14.45 17.16
C TYR B 109 13.84 13.83 18.17
N ASN B 110 13.60 12.58 18.55
CA ASN B 110 14.36 11.96 19.65
C ASN B 110 15.69 11.35 19.22
N LYS B 111 16.57 11.10 20.19
CA LYS B 111 17.87 10.52 19.89
C LYS B 111 17.65 9.03 19.61
N PRO B 112 18.47 8.46 18.70
CA PRO B 112 18.30 7.05 18.35
C PRO B 112 18.29 6.10 19.55
N THR B 113 19.03 6.47 20.60
CA THR B 113 19.19 5.63 21.79
C THR B 113 18.10 5.84 22.86
N ASP B 114 17.18 6.79 22.63
CA ASP B 114 16.12 7.08 23.61
C ASP B 114 15.14 5.91 23.71
N ASP B 115 14.70 5.61 24.94
CA ASP B 115 13.68 4.57 25.16
C ASP B 115 12.42 4.79 24.33
N ILE B 116 12.00 6.04 24.18
CA ILE B 116 10.74 6.36 23.48
C ILE B 116 10.76 5.89 22.02
N VAL B 117 11.95 5.88 21.41
CA VAL B 117 12.13 5.34 20.06
C VAL B 117 11.79 3.85 20.01
N LEU B 118 12.31 3.10 20.98
CA LEU B 118 12.02 1.67 21.08
C LEU B 118 10.52 1.43 21.29
N MET B 119 9.91 2.27 22.12
CA MET B 119 8.48 2.17 22.43
C MET B 119 7.61 2.44 21.18
N ALA B 120 7.96 3.46 20.42
CA ALA B 120 7.28 3.75 19.16
C ALA B 120 7.40 2.58 18.18
N GLN B 121 8.63 2.08 18.00
CA GLN B 121 8.87 0.94 17.10
C GLN B 121 7.98 -0.26 17.43
N THR B 122 7.84 -0.57 18.72
CA THR B 122 7.00 -1.68 19.17
C THR B 122 5.52 -1.46 18.79
N LEU B 123 5.01 -0.27 19.07
CA LEU B 123 3.63 0.07 18.75
C LEU B 123 3.41 0.08 17.24
N GLU B 124 4.40 0.59 16.52
CA GLU B 124 4.33 0.72 15.07
C GLU B 124 4.27 -0.66 14.41
N LYS B 125 5.04 -1.61 14.94
CA LYS B 125 4.98 -2.99 14.45
C LYS B 125 3.58 -3.60 14.65
N ILE B 126 2.96 -3.34 15.79
CA ILE B 126 1.61 -3.83 16.07
C ILE B 126 0.60 -3.19 15.12
N PHE B 127 0.72 -1.88 14.93
CA PHE B 127 -0.11 -1.14 13.97
C PHE B 127 -0.10 -1.82 12.59
N LEU B 128 1.09 -2.10 12.07
CA LEU B 128 1.19 -2.73 10.75
C LEU B 128 0.65 -4.15 10.72
N GLN B 129 0.93 -4.92 11.77
CA GLN B 129 0.36 -6.27 11.91
C GLN B 129 -1.16 -6.22 11.82
N LYS B 130 -1.79 -5.30 12.55
CA LYS B 130 -3.26 -5.22 12.58
C LYS B 130 -3.83 -4.64 11.29
N VAL B 131 -3.15 -3.63 10.72
CA VAL B 131 -3.51 -3.10 9.41
C VAL B 131 -3.51 -4.17 8.31
N ALA B 132 -2.62 -5.17 8.44
CA ALA B 132 -2.56 -6.29 7.49
C ALA B 132 -3.89 -7.04 7.39
N SER B 133 -4.68 -7.03 8.46
CA SER B 133 -5.95 -7.75 8.51
C SER B 133 -7.18 -6.85 8.39
N MET B 134 -6.98 -5.60 7.96
CA MET B 134 -8.10 -4.68 7.74
C MET B 134 -8.86 -5.11 6.48
N PRO B 135 -10.21 -5.00 6.47
CA PRO B 135 -11.01 -5.29 5.26
C PRO B 135 -10.55 -4.52 4.02
N GLN B 136 -10.63 -5.16 2.85
CA GLN B 136 -9.95 -4.65 1.64
C GLN B 136 -10.61 -3.41 1.03
N GLU B 137 -11.94 -3.43 0.89
CA GLU B 137 -12.69 -2.36 0.25
C GLU B 137 -13.32 -1.44 1.30
N GLU B 138 -13.18 -0.13 1.10
CA GLU B 138 -13.77 0.86 2.00
C GLU B 138 -15.26 1.03 1.72
N GLN B 139 -16.08 1.00 2.78
CA GLN B 139 -17.54 1.12 2.66
C GLN B 139 -17.95 2.59 2.44
N ASN C 31 -15.99 6.58 -32.91
CA ASN C 31 -16.38 7.04 -31.54
C ASN C 31 -16.59 5.91 -30.54
N GLN C 32 -17.06 4.75 -31.02
CA GLN C 32 -17.23 3.57 -30.18
C GLN C 32 -15.93 3.13 -29.52
N LEU C 33 -14.90 2.91 -30.34
CA LEU C 33 -13.58 2.50 -29.84
C LEU C 33 -12.93 3.59 -28.98
N GLN C 34 -13.13 4.85 -29.37
CA GLN C 34 -12.63 5.99 -28.60
C GLN C 34 -13.32 6.07 -27.23
N TYR C 35 -14.60 5.68 -27.19
CA TYR C 35 -15.36 5.63 -25.95
C TYR C 35 -14.86 4.49 -25.07
N LEU C 36 -14.66 3.31 -25.66
CA LEU C 36 -14.11 2.17 -24.93
C LEU C 36 -12.73 2.47 -24.35
N HIS C 37 -11.91 3.23 -25.08
CA HIS C 37 -10.59 3.61 -24.60
C HIS C 37 -10.67 4.69 -23.52
N LYS C 38 -11.29 5.81 -23.87
CA LYS C 38 -11.26 6.99 -23.00
C LYS C 38 -12.27 6.98 -21.85
N VAL C 39 -13.32 6.19 -21.95
CA VAL C 39 -14.31 6.10 -20.86
C VAL C 39 -14.25 4.74 -20.16
N VAL C 40 -14.41 3.66 -20.92
CA VAL C 40 -14.48 2.31 -20.34
C VAL C 40 -13.15 1.90 -19.71
N MET C 41 -12.08 1.88 -20.52
CA MET C 41 -10.77 1.45 -20.03
C MET C 41 -10.18 2.39 -18.97
N LYS C 42 -10.42 3.69 -19.11
CA LYS C 42 -9.93 4.64 -18.10
C LYS C 42 -10.51 4.36 -16.70
N ALA C 43 -11.80 4.04 -16.63
CA ALA C 43 -12.46 3.71 -15.37
C ALA C 43 -12.04 2.34 -14.81
N LEU C 44 -11.88 1.35 -15.68
CA LEU C 44 -11.47 0.02 -15.23
C LEU C 44 -10.00 -0.03 -14.80
N TRP C 45 -9.13 0.58 -15.61
CA TRP C 45 -7.68 0.53 -15.36
C TRP C 45 -7.28 1.00 -13.97
N LYS C 46 -7.88 2.11 -13.53
CA LYS C 46 -7.52 2.73 -12.26
C LYS C 46 -8.38 2.25 -11.08
N HIS C 47 -9.35 1.38 -11.36
CA HIS C 47 -10.20 0.82 -10.31
C HIS C 47 -9.32 0.03 -9.33
N GLN C 48 -9.68 0.03 -8.05
CA GLN C 48 -8.89 -0.68 -7.03
C GLN C 48 -8.76 -2.19 -7.28
N PHE C 49 -9.76 -2.80 -7.92
CA PHE C 49 -9.75 -4.23 -8.22
C PHE C 49 -9.06 -4.59 -9.53
N ALA C 50 -8.50 -3.60 -10.22
CA ALA C 50 -7.87 -3.82 -11.53
C ALA C 50 -6.56 -4.61 -11.46
N TRP C 51 -5.84 -4.52 -10.33
CA TRP C 51 -4.44 -4.98 -10.28
C TRP C 51 -4.18 -6.43 -10.75
N PRO C 52 -5.05 -7.40 -10.40
CA PRO C 52 -4.76 -8.74 -10.90
C PRO C 52 -4.97 -8.92 -12.41
N PHE C 53 -5.58 -7.93 -13.07
CA PHE C 53 -5.94 -8.00 -14.48
C PHE C 53 -5.13 -7.07 -15.40
N ARG C 54 -4.17 -6.32 -14.85
CA ARG C 54 -3.43 -5.34 -15.65
C ARG C 54 -2.30 -5.94 -16.50
N GLN C 55 -1.99 -7.20 -16.27
CA GLN C 55 -0.94 -7.91 -17.00
C GLN C 55 -1.38 -9.34 -17.25
N PRO C 56 -0.81 -10.00 -18.28
CA PRO C 56 -1.11 -11.40 -18.54
C PRO C 56 -0.87 -12.28 -17.31
N VAL C 57 -1.69 -13.32 -17.15
CA VAL C 57 -1.46 -14.32 -16.13
C VAL C 57 -0.13 -15.00 -16.46
N ASP C 58 0.80 -14.96 -15.52
CA ASP C 58 2.07 -15.69 -15.64
C ASP C 58 1.92 -16.98 -14.83
N ALA C 59 1.51 -18.05 -15.52
CA ALA C 59 1.25 -19.34 -14.88
C ALA C 59 2.47 -19.91 -14.15
N VAL C 60 3.67 -19.58 -14.61
CA VAL C 60 4.91 -20.02 -13.95
C VAL C 60 5.13 -19.27 -12.62
N LYS C 61 5.14 -17.95 -12.68
CA LYS C 61 5.35 -17.12 -11.47
C LYS C 61 4.26 -17.32 -10.43
N LEU C 62 3.01 -17.37 -10.88
CA LEU C 62 1.87 -17.57 -9.99
C LEU C 62 1.70 -19.02 -9.54
N GLY C 63 2.50 -19.94 -10.09
CA GLY C 63 2.41 -21.36 -9.75
C GLY C 63 1.07 -21.96 -10.15
N LEU C 64 0.71 -21.76 -11.43
CA LEU C 64 -0.54 -22.29 -11.98
C LEU C 64 -0.25 -23.21 -13.16
N PRO C 65 0.33 -24.40 -12.90
CA PRO C 65 0.77 -25.29 -13.99
C PRO C 65 -0.31 -25.71 -15.00
N ASP C 66 -1.57 -25.73 -14.57
CA ASP C 66 -2.68 -26.18 -15.43
C ASP C 66 -3.44 -25.03 -16.09
N TYR C 67 -3.02 -23.79 -15.83
CA TYR C 67 -3.75 -22.62 -16.31
C TYR C 67 -3.98 -22.65 -17.83
N HIS C 68 -2.92 -22.87 -18.59
CA HIS C 68 -3.02 -22.87 -20.04
C HIS C 68 -3.55 -24.19 -20.63
N LYS C 69 -3.71 -25.21 -19.79
CA LYS C 69 -4.44 -26.42 -20.19
C LYS C 69 -5.94 -26.16 -20.14
N ILE C 70 -6.36 -25.29 -19.23
CA ILE C 70 -7.78 -25.01 -18.98
C ILE C 70 -8.21 -23.79 -19.78
N ILE C 71 -7.40 -22.75 -19.76
CA ILE C 71 -7.72 -21.49 -20.43
C ILE C 71 -7.11 -21.44 -21.82
N LYS C 72 -7.98 -21.43 -22.84
CA LYS C 72 -7.56 -21.51 -24.24
C LYS C 72 -7.11 -20.18 -24.83
N GLN C 73 -7.73 -19.08 -24.41
CA GLN C 73 -7.43 -17.73 -24.94
C GLN C 73 -7.20 -16.72 -23.79
N PRO C 74 -5.96 -16.63 -23.29
CA PRO C 74 -5.66 -15.68 -22.24
C PRO C 74 -5.92 -14.24 -22.68
N MET C 75 -6.39 -13.41 -21.73
CA MET C 75 -6.59 -12.00 -22.01
C MET C 75 -6.47 -11.21 -20.71
N ASP C 76 -6.05 -9.95 -20.85
CA ASP C 76 -5.84 -9.06 -19.71
C ASP C 76 -6.04 -7.63 -20.17
N MET C 77 -6.21 -6.72 -19.21
CA MET C 77 -6.45 -5.31 -19.50
C MET C 77 -5.24 -4.60 -20.07
N GLY C 78 -4.04 -5.05 -19.71
CA GLY C 78 -2.81 -4.50 -20.28
C GLY C 78 -2.77 -4.67 -21.78
N THR C 79 -3.12 -5.87 -22.24
CA THR C 79 -3.19 -6.18 -23.66
C THR C 79 -4.28 -5.36 -24.34
N ILE C 80 -5.45 -5.29 -23.72
CA ILE C 80 -6.57 -4.52 -24.28
C ILE C 80 -6.21 -3.04 -24.38
N LYS C 81 -5.59 -2.52 -23.33
CA LYS C 81 -5.17 -1.11 -23.30
C LYS C 81 -4.16 -0.77 -24.39
N ARG C 82 -3.16 -1.62 -24.56
CA ARG C 82 -2.16 -1.47 -25.63
C ARG C 82 -2.86 -1.52 -27.01
N ARG C 83 -3.80 -2.44 -27.15
CA ARG C 83 -4.55 -2.59 -28.41
C ARG C 83 -5.36 -1.34 -28.74
N LEU C 84 -6.01 -0.77 -27.73
CA LEU C 84 -6.75 0.48 -27.93
C LEU C 84 -5.81 1.62 -28.32
N GLU C 85 -4.67 1.71 -27.63
CA GLU C 85 -3.68 2.74 -27.91
C GLU C 85 -3.11 2.64 -29.33
N ASN C 86 -3.05 1.41 -29.86
CA ASN C 86 -2.39 1.16 -31.14
C ASN C 86 -3.35 0.98 -32.33
N ASN C 87 -4.63 1.28 -32.11
CA ASN C 87 -5.68 1.20 -33.16
C ASN C 87 -5.89 -0.23 -33.66
N TYR C 88 -5.64 -1.21 -32.80
CA TYR C 88 -5.71 -2.61 -33.17
C TYR C 88 -7.12 -3.03 -33.60
N TYR C 89 -8.15 -2.55 -32.88
CA TYR C 89 -9.52 -3.01 -33.11
C TYR C 89 -10.18 -2.36 -34.32
N TRP C 90 -11.03 -3.14 -34.99
CA TRP C 90 -11.87 -2.67 -36.11
C TRP C 90 -13.27 -2.28 -35.67
N ALA C 91 -13.79 -2.99 -34.68
CA ALA C 91 -15.10 -2.69 -34.12
C ALA C 91 -15.05 -2.75 -32.61
N ALA C 92 -15.97 -2.04 -31.98
CA ALA C 92 -16.13 -2.11 -30.53
C ALA C 92 -16.39 -3.56 -30.07
N SER C 93 -17.10 -4.33 -30.89
CA SER C 93 -17.43 -5.73 -30.55
C SER C 93 -16.19 -6.55 -30.18
N GLU C 94 -15.11 -6.40 -30.95
CA GLU C 94 -13.86 -7.15 -30.68
C GLU C 94 -13.25 -6.81 -29.32
N CYS C 95 -13.20 -5.52 -29.00
CA CYS C 95 -12.73 -5.04 -27.70
C CYS C 95 -13.61 -5.59 -26.58
N MET C 96 -14.92 -5.49 -26.79
CA MET C 96 -15.89 -6.04 -25.83
C MET C 96 -15.68 -7.53 -25.61
N GLN C 97 -15.47 -8.29 -26.69
N GLN C 97 -15.46 -8.30 -26.67
CA GLN C 97 -15.18 -9.72 -26.59
CA GLN C 97 -15.20 -9.73 -26.52
C GLN C 97 -13.92 -9.99 -25.77
C GLN C 97 -13.91 -10.00 -25.75
N ASP C 98 -12.90 -9.15 -25.93
CA ASP C 98 -11.63 -9.31 -25.18
C ASP C 98 -11.85 -9.12 -23.68
N PHE C 99 -12.55 -8.05 -23.31
CA PHE C 99 -12.98 -7.89 -21.91
C PHE C 99 -13.75 -9.11 -21.42
N ASN C 100 -14.72 -9.58 -22.19
CA ASN C 100 -15.53 -10.74 -21.80
C ASN C 100 -14.67 -11.97 -21.57
N THR C 101 -13.74 -12.23 -22.49
CA THR C 101 -12.81 -13.35 -22.41
C THR C 101 -11.98 -13.28 -21.13
N MET C 102 -11.47 -12.09 -20.81
CA MET C 102 -10.67 -11.89 -19.60
C MET C 102 -11.48 -12.26 -18.35
N PHE C 103 -12.70 -11.74 -18.24
CA PHE C 103 -13.56 -12.05 -17.10
C PHE C 103 -13.95 -13.52 -17.06
N THR C 104 -14.37 -14.06 -18.20
CA THR C 104 -14.80 -15.48 -18.28
C THR C 104 -13.67 -16.43 -17.89
N ASN C 105 -12.45 -16.18 -18.37
CA ASN C 105 -11.28 -16.99 -17.97
C ASN C 105 -11.17 -17.06 -16.45
N CYS C 106 -11.34 -15.90 -15.82
CA CYS C 106 -11.26 -15.80 -14.38
C CYS C 106 -12.31 -16.68 -13.71
N TYR C 107 -13.56 -16.59 -14.17
CA TYR C 107 -14.65 -17.38 -13.59
C TYR C 107 -14.47 -18.87 -13.79
N ILE C 108 -13.96 -19.26 -14.96
CA ILE C 108 -13.80 -20.67 -15.28
C ILE C 108 -12.63 -21.30 -14.52
N TYR C 109 -11.48 -20.60 -14.47
CA TYR C 109 -10.28 -21.19 -13.86
C TYR C 109 -10.34 -21.24 -12.33
N ASN C 110 -10.74 -20.12 -11.71
CA ASN C 110 -10.67 -19.97 -10.26
C ASN C 110 -11.83 -20.59 -9.51
N LYS C 111 -11.64 -20.82 -8.22
CA LYS C 111 -12.69 -21.33 -7.34
C LYS C 111 -13.74 -20.25 -7.09
N PRO C 112 -15.02 -20.65 -6.92
CA PRO C 112 -16.09 -19.66 -6.68
C PRO C 112 -15.84 -18.71 -5.51
N THR C 113 -15.18 -19.22 -4.47
CA THR C 113 -14.92 -18.44 -3.26
C THR C 113 -13.65 -17.59 -3.29
N ASP C 114 -12.87 -17.68 -4.38
CA ASP C 114 -11.67 -16.84 -4.53
C ASP C 114 -12.03 -15.36 -4.63
N ASP C 115 -11.25 -14.51 -3.98
CA ASP C 115 -11.49 -13.05 -3.99
C ASP C 115 -11.46 -12.49 -5.41
N ILE C 116 -10.60 -13.05 -6.26
CA ILE C 116 -10.44 -12.56 -7.63
C ILE C 116 -11.74 -12.70 -8.42
N VAL C 117 -12.56 -13.69 -8.09
CA VAL C 117 -13.86 -13.87 -8.73
C VAL C 117 -14.79 -12.69 -8.40
N LEU C 118 -14.82 -12.29 -7.13
CA LEU C 118 -15.62 -11.12 -6.74
C LEU C 118 -15.09 -9.85 -7.38
N MET C 119 -13.77 -9.74 -7.48
CA MET C 119 -13.13 -8.60 -8.12
C MET C 119 -13.53 -8.51 -9.60
N ALA C 120 -13.48 -9.63 -10.30
CA ALA C 120 -13.90 -9.68 -11.71
C ALA C 120 -15.37 -9.28 -11.86
N GLN C 121 -16.23 -9.82 -11.00
CA GLN C 121 -17.66 -9.50 -11.06
C GLN C 121 -17.91 -8.00 -10.95
N THR C 122 -17.27 -7.36 -9.98
CA THR C 122 -17.39 -5.92 -9.79
C THR C 122 -16.95 -5.15 -11.02
N LEU C 123 -15.81 -5.52 -11.57
CA LEU C 123 -15.29 -4.88 -12.76
C LEU C 123 -16.18 -5.11 -13.98
N GLU C 124 -16.70 -6.32 -14.14
CA GLU C 124 -17.53 -6.63 -15.31
C GLU C 124 -18.85 -5.86 -15.29
N LYS C 125 -19.44 -5.70 -14.10
CA LYS C 125 -20.67 -4.91 -13.95
C LYS C 125 -20.47 -3.47 -14.40
N ILE C 126 -19.33 -2.88 -14.03
CA ILE C 126 -18.97 -1.54 -14.45
C ILE C 126 -18.78 -1.48 -15.96
N PHE C 127 -18.05 -2.45 -16.50
CA PHE C 127 -17.84 -2.58 -17.94
C PHE C 127 -19.18 -2.56 -18.70
N LEU C 128 -20.11 -3.41 -18.26
CA LEU C 128 -21.43 -3.49 -18.88
C LEU C 128 -22.24 -2.21 -18.77
N GLN C 129 -22.21 -1.62 -17.58
CA GLN C 129 -22.87 -0.34 -17.35
C GLN C 129 -22.37 0.70 -18.36
N LYS C 130 -21.06 0.79 -18.52
CA LYS C 130 -20.47 1.76 -19.44
C LYS C 130 -20.79 1.42 -20.89
N VAL C 131 -20.72 0.14 -21.24
CA VAL C 131 -21.11 -0.31 -22.58
C VAL C 131 -22.54 0.08 -22.94
N ALA C 132 -23.43 0.05 -21.95
CA ALA C 132 -24.82 0.47 -22.13
C ALA C 132 -24.97 1.93 -22.58
N SER C 133 -24.00 2.78 -22.23
CA SER C 133 -24.03 4.19 -22.62
C SER C 133 -23.08 4.52 -23.79
N MET C 134 -22.65 3.49 -24.50
CA MET C 134 -21.72 3.67 -25.62
C MET C 134 -22.45 4.26 -26.83
N PRO C 135 -21.77 5.13 -27.61
CA PRO C 135 -22.39 5.62 -28.85
C PRO C 135 -22.57 4.53 -29.91
N GLN C 136 -23.44 4.78 -30.88
N GLN C 136 -23.45 4.77 -30.88
CA GLN C 136 -23.70 3.84 -31.97
CA GLN C 136 -23.67 3.83 -31.99
C GLN C 136 -22.54 3.79 -32.95
C GLN C 136 -23.67 4.57 -33.32
#